data_3RTI
#
_entry.id   3RTI
#
_cell.length_a   72.740
_cell.length_b   78.490
_cell.length_c   114.340
_cell.angle_alpha   90.00
_cell.angle_beta   90.00
_cell.angle_gamma   90.00
#
_symmetry.space_group_name_H-M   'P 21 21 21'
#
loop_
_entity.id
_entity.type
_entity.pdbx_description
1 polymer Ricin
2 polymer Ricin
3 branched beta-D-galactopyranose-(1-4)-beta-D-glucopyranose
4 branched 2-acetamido-2-deoxy-beta-D-glucopyranose-(1-4)-2-acetamido-2-deoxy-beta-D-glucopyranose
5 non-polymer "FORMYCIN-5'-MONOPHOSPHATE"
6 water water
#
loop_
_entity_poly.entity_id
_entity_poly.type
_entity_poly.pdbx_seq_one_letter_code
_entity_poly.pdbx_strand_id
1 'polypeptide(L)'
;IFPKQYPIINFTTAGATVQSYTNFIRAVRGRLTTGADVRHEIPVLPNRVGLPINQRFILVELSNHAELSVTLALDVTNAY
VVGYRAGNSAYFFHPDNQEDAEAITHLFTDVQNRYTFAFGGNYDRLEQLAGNLRENIELGNGPLEEAISALYYYSTGGTQ
LPTLARSFIICIQMISEAARFQYIEGEMRTRIRYNRRSAPDPSVITLENSWGRLSTAIQESNQGAFASPIQLQRRNGSKF
SVYDVSILIPIIALMVYRCAPPPSSQF
;
A
2 'polypeptide(L)'
;ADVCMDPEPIVRIVGRNGLCVDVRDGRFHNGNAIQLWPCKSNTDANQLWTLKRDNTIRSNGKCLTTYGYSPGVYVMIYDC
NTAATDATRWQIWDNGTIINPRSSLVLAATSGNSGTTLTVQTNIYAVSQGWLPTNNTQPFVTTIVGLYGLCLQANSGQVW
IEDCSSEKAEQQWALYADGSIRPQQNRDNCLTSDSNIRETVVKILSCGPASSGQRWMFKNDGTILNLYSGLVLDVRASDP
SLKQIILYPLHGDPNQIWLPLF
;
B
#
# COMPACT_ATOMS: atom_id res chain seq x y z
N TYR A 6 -16.74 11.46 -22.57
CA TYR A 6 -15.78 10.92 -21.55
C TYR A 6 -14.57 11.83 -21.40
N PRO A 7 -14.07 11.99 -20.16
CA PRO A 7 -12.92 12.83 -19.83
C PRO A 7 -11.73 12.39 -20.68
N ILE A 8 -10.77 13.29 -20.86
CA ILE A 8 -9.61 12.97 -21.66
C ILE A 8 -8.31 13.48 -21.04
N ILE A 9 -7.50 12.56 -20.54
CA ILE A 9 -6.21 12.91 -19.97
C ILE A 9 -5.21 12.65 -21.10
N ASN A 10 -4.23 13.54 -21.27
CA ASN A 10 -3.24 13.29 -22.31
C ASN A 10 -1.80 13.29 -21.80
N PHE A 11 -0.98 12.45 -22.41
CA PHE A 11 0.42 12.33 -22.03
C PHE A 11 1.26 12.19 -23.29
N THR A 12 2.41 12.85 -23.31
CA THR A 12 3.29 12.74 -24.47
C THR A 12 4.65 12.28 -23.99
N THR A 13 5.27 11.38 -24.75
CA THR A 13 6.59 10.90 -24.38
C THR A 13 7.60 11.92 -24.87
N ALA A 14 7.13 12.83 -25.71
CA ALA A 14 7.97 13.88 -26.26
C ALA A 14 8.93 14.43 -25.21
N GLY A 15 8.48 15.41 -24.45
CA GLY A 15 9.34 15.97 -23.41
C GLY A 15 9.17 15.25 -22.09
N ALA A 16 8.76 13.99 -22.15
CA ALA A 16 8.51 13.14 -20.97
C ALA A 16 9.54 13.40 -19.87
N THR A 17 9.02 13.64 -18.68
CA THR A 17 9.87 13.95 -17.54
C THR A 17 9.29 13.27 -16.27
N VAL A 18 10.04 13.18 -15.18
CA VAL A 18 9.47 12.50 -14.00
C VAL A 18 8.26 13.23 -13.47
N GLN A 19 8.27 14.56 -13.58
CA GLN A 19 7.16 15.38 -13.12
C GLN A 19 5.93 15.20 -14.01
N SER A 20 6.16 15.27 -15.32
CA SER A 20 5.06 15.13 -16.26
C SER A 20 4.40 13.76 -16.12
N TYR A 21 5.21 12.75 -15.85
CA TYR A 21 4.68 11.40 -15.69
C TYR A 21 3.89 11.29 -14.37
N THR A 22 4.42 11.93 -13.33
CA THR A 22 3.75 11.89 -12.04
C THR A 22 2.41 12.64 -12.09
N ASN A 23 2.33 13.70 -12.90
CA ASN A 23 1.09 14.45 -13.00
C ASN A 23 0.09 13.62 -13.79
N PHE A 24 0.59 13.00 -14.85
CA PHE A 24 -0.23 12.15 -15.71
C PHE A 24 -1.00 11.10 -14.90
N ILE A 25 -0.27 10.35 -14.09
CA ILE A 25 -0.85 9.29 -13.26
C ILE A 25 -1.77 9.86 -12.21
N ARG A 26 -1.34 10.96 -11.60
CA ARG A 26 -2.13 11.62 -10.58
C ARG A 26 -3.47 12.00 -11.23
N ALA A 27 -3.40 12.38 -12.50
CA ALA A 27 -4.58 12.75 -13.27
C ALA A 27 -5.47 11.53 -13.53
N VAL A 28 -4.85 10.40 -13.85
CA VAL A 28 -5.60 9.17 -14.11
C VAL A 28 -6.31 8.65 -12.84
N ARG A 29 -5.61 8.65 -11.71
CA ARG A 29 -6.21 8.19 -10.45
C ARG A 29 -7.35 9.11 -10.08
N GLY A 30 -7.18 10.40 -10.36
CA GLY A 30 -8.20 11.36 -10.03
C GLY A 30 -9.49 11.19 -10.81
N ARG A 31 -9.37 10.70 -12.04
CA ARG A 31 -10.52 10.51 -12.92
C ARG A 31 -11.17 9.15 -12.75
N LEU A 32 -10.45 8.23 -12.13
CA LEU A 32 -10.97 6.88 -11.91
C LEU A 32 -11.87 6.83 -10.68
N THR A 33 -11.40 7.38 -9.57
CA THR A 33 -12.18 7.39 -8.34
C THR A 33 -12.91 8.72 -8.17
N THR A 34 -13.92 8.70 -7.30
CA THR A 34 -14.73 9.88 -7.03
C THR A 34 -14.49 10.37 -5.60
N GLY A 35 -13.64 9.67 -4.86
CA GLY A 35 -13.34 10.05 -3.49
C GLY A 35 -14.43 9.69 -2.50
N ALA A 36 -15.54 9.19 -3.03
CA ALA A 36 -16.67 8.82 -2.20
C ALA A 36 -16.43 7.59 -1.35
N ASP A 37 -15.61 6.66 -1.82
CA ASP A 37 -15.36 5.42 -1.08
C ASP A 37 -13.88 5.09 -0.84
N VAL A 38 -13.44 5.32 0.40
CA VAL A 38 -12.07 5.05 0.81
C VAL A 38 -12.09 4.11 2.01
N ARG A 39 -11.32 3.03 1.92
CA ARG A 39 -11.29 2.08 3.02
C ARG A 39 -9.85 1.88 3.43
N HIS A 40 -9.62 2.00 4.74
CA HIS A 40 -8.29 1.85 5.32
C HIS A 40 -7.33 2.79 4.59
N GLU A 41 -7.88 3.96 4.25
CA GLU A 41 -7.15 5.03 3.58
C GLU A 41 -6.88 4.82 2.09
N ILE A 42 -7.46 3.78 1.51
CA ILE A 42 -7.24 3.52 0.09
C ILE A 42 -8.51 3.73 -0.71
N PRO A 43 -8.44 4.54 -1.77
CA PRO A 43 -9.63 4.78 -2.59
C PRO A 43 -10.12 3.50 -3.27
N VAL A 44 -11.43 3.36 -3.40
CA VAL A 44 -12.00 2.19 -4.05
C VAL A 44 -12.58 2.69 -5.37
N LEU A 45 -12.55 1.83 -6.39
CA LEU A 45 -13.09 2.19 -7.69
C LEU A 45 -14.60 2.02 -7.64
N PRO A 46 -15.34 2.69 -8.54
CA PRO A 46 -16.80 2.62 -8.59
C PRO A 46 -17.33 1.20 -8.77
N ASN A 47 -18.53 0.96 -8.23
CA ASN A 47 -19.18 -0.33 -8.35
C ASN A 47 -19.73 -0.42 -9.78
N ARG A 48 -19.47 -1.54 -10.45
CA ARG A 48 -19.95 -1.72 -11.81
C ARG A 48 -21.47 -1.68 -11.86
N VAL A 49 -22.13 -2.39 -10.95
CA VAL A 49 -23.58 -2.42 -10.96
C VAL A 49 -24.18 -1.08 -10.56
N GLY A 50 -24.97 -0.51 -11.46
CA GLY A 50 -25.61 0.77 -11.18
C GLY A 50 -24.86 1.97 -11.68
N LEU A 51 -23.75 1.74 -12.37
CA LEU A 51 -22.98 2.87 -12.88
C LEU A 51 -23.41 3.22 -14.30
N PRO A 52 -23.87 4.46 -14.52
CA PRO A 52 -24.33 4.95 -15.84
C PRO A 52 -23.18 4.86 -16.83
N ILE A 53 -23.48 4.66 -18.12
CA ILE A 53 -22.41 4.56 -19.10
C ILE A 53 -21.67 5.86 -19.40
N ASN A 54 -22.16 6.98 -18.89
CA ASN A 54 -21.49 8.25 -19.15
C ASN A 54 -20.37 8.49 -18.15
N GLN A 55 -20.24 7.59 -17.18
CA GLN A 55 -19.20 7.70 -16.16
C GLN A 55 -18.45 6.37 -16.11
N ARG A 56 -18.61 5.58 -17.16
CA ARG A 56 -18.02 4.25 -17.24
C ARG A 56 -16.60 4.13 -17.81
N PHE A 57 -16.15 5.15 -18.53
CA PHE A 57 -14.82 5.10 -19.14
C PHE A 57 -14.12 6.44 -19.12
N ILE A 58 -12.80 6.39 -19.18
CA ILE A 58 -12.00 7.59 -19.26
C ILE A 58 -11.12 7.34 -20.47
N LEU A 59 -10.73 8.40 -21.15
CA LEU A 59 -9.92 8.29 -22.35
C LEU A 59 -8.52 8.85 -22.17
N VAL A 60 -7.52 7.97 -22.30
CA VAL A 60 -6.13 8.40 -22.20
C VAL A 60 -5.60 8.56 -23.63
N GLU A 61 -4.97 9.70 -23.89
CA GLU A 61 -4.42 9.97 -25.21
C GLU A 61 -2.89 10.07 -25.13
N LEU A 62 -2.22 9.12 -25.75
CA LEU A 62 -0.76 9.09 -25.76
C LEU A 62 -0.23 9.58 -27.12
N SER A 63 0.86 10.33 -27.08
CA SER A 63 1.47 10.86 -28.29
C SER A 63 2.97 10.85 -28.14
N ASN A 64 3.69 10.62 -29.23
CA ASN A 64 5.14 10.59 -29.17
C ASN A 64 5.82 11.63 -30.04
N HIS A 65 7.14 11.54 -30.08
CA HIS A 65 8.01 12.42 -30.86
C HIS A 65 7.59 12.47 -32.32
N ALA A 66 7.39 11.29 -32.90
CA ALA A 66 7.01 11.13 -34.30
C ALA A 66 5.69 11.84 -34.64
N GLU A 67 5.09 12.50 -33.65
CA GLU A 67 3.82 13.20 -33.84
C GLU A 67 2.63 12.27 -34.01
N LEU A 68 2.84 10.98 -33.80
CA LEU A 68 1.79 9.96 -33.90
C LEU A 68 0.98 10.00 -32.63
N SER A 69 -0.33 9.75 -32.74
CA SER A 69 -1.20 9.78 -31.59
C SER A 69 -2.15 8.59 -31.52
N VAL A 70 -2.45 8.16 -30.30
CA VAL A 70 -3.35 7.04 -30.04
C VAL A 70 -4.17 7.33 -28.78
N THR A 71 -5.41 6.85 -28.73
CA THR A 71 -6.24 7.07 -27.55
C THR A 71 -6.73 5.76 -26.90
N LEU A 72 -6.25 5.49 -25.69
CA LEU A 72 -6.66 4.29 -24.98
C LEU A 72 -7.92 4.61 -24.18
N ALA A 73 -8.78 3.61 -24.03
CA ALA A 73 -10.03 3.75 -23.28
C ALA A 73 -9.96 2.81 -22.08
N LEU A 74 -10.07 3.37 -20.88
CA LEU A 74 -10.01 2.57 -19.65
C LEU A 74 -11.36 2.45 -18.97
N ASP A 75 -11.67 1.26 -18.48
CA ASP A 75 -12.92 1.03 -17.76
C ASP A 75 -12.64 1.46 -16.33
N VAL A 76 -13.43 2.41 -15.86
CA VAL A 76 -13.29 2.98 -14.52
C VAL A 76 -13.51 2.02 -13.35
N THR A 77 -14.28 0.95 -13.58
CA THR A 77 -14.55 -0.01 -12.52
C THR A 77 -13.36 -0.91 -12.20
N ASN A 78 -12.34 -0.90 -13.05
CA ASN A 78 -11.18 -1.74 -12.81
C ASN A 78 -9.87 -1.23 -13.41
N ALA A 79 -9.89 -0.04 -14.00
CA ALA A 79 -8.69 0.55 -14.62
C ALA A 79 -8.17 -0.37 -15.73
N TYR A 80 -9.10 -1.04 -16.40
CA TYR A 80 -8.78 -1.98 -17.47
C TYR A 80 -8.76 -1.32 -18.85
N VAL A 81 -7.67 -1.49 -19.58
CA VAL A 81 -7.59 -0.93 -20.93
C VAL A 81 -8.44 -1.88 -21.79
N VAL A 82 -9.57 -1.39 -22.28
CA VAL A 82 -10.48 -2.21 -23.07
C VAL A 82 -10.33 -2.08 -24.59
N GLY A 83 -9.66 -1.03 -25.03
CA GLY A 83 -9.48 -0.86 -26.46
C GLY A 83 -8.78 0.45 -26.75
N TYR A 84 -8.85 0.90 -28.00
CA TYR A 84 -8.21 2.15 -28.35
C TYR A 84 -8.61 2.65 -29.73
N ARG A 85 -8.20 3.88 -30.03
CA ARG A 85 -8.49 4.52 -31.30
C ARG A 85 -7.21 5.11 -31.87
N ALA A 86 -7.05 4.92 -33.17
CA ALA A 86 -5.90 5.44 -33.90
C ALA A 86 -6.49 5.90 -35.22
N GLY A 87 -6.31 7.18 -35.52
CA GLY A 87 -6.86 7.72 -36.74
C GLY A 87 -8.36 7.56 -36.82
N ASN A 88 -8.84 6.95 -37.88
CA ASN A 88 -10.26 6.75 -38.11
C ASN A 88 -10.77 5.36 -37.68
N SER A 89 -9.91 4.59 -37.01
CA SER A 89 -10.29 3.25 -36.59
C SER A 89 -10.21 3.03 -35.09
N ALA A 90 -10.94 2.02 -34.62
CA ALA A 90 -10.97 1.67 -33.21
C ALA A 90 -10.94 0.15 -33.03
N TYR A 91 -10.10 -0.32 -32.10
CA TYR A 91 -9.98 -1.75 -31.82
C TYR A 91 -10.29 -2.04 -30.36
N PHE A 92 -11.04 -3.11 -30.11
CA PHE A 92 -11.42 -3.48 -28.75
C PHE A 92 -10.99 -4.91 -28.44
N PHE A 93 -10.72 -5.19 -27.17
CA PHE A 93 -10.37 -6.55 -26.79
C PHE A 93 -11.68 -7.32 -26.72
N HIS A 94 -11.65 -8.58 -27.12
CA HIS A 94 -12.86 -9.40 -27.10
C HIS A 94 -13.51 -9.36 -25.73
N PRO A 95 -14.69 -8.72 -25.61
CA PRO A 95 -15.36 -8.65 -24.31
C PRO A 95 -15.62 -10.05 -23.77
N ASP A 96 -15.62 -10.20 -22.45
CA ASP A 96 -15.83 -11.53 -21.87
C ASP A 96 -17.13 -11.69 -21.10
N ASN A 97 -18.17 -10.98 -21.54
CA ASN A 97 -19.50 -11.07 -20.95
C ASN A 97 -20.41 -10.07 -21.65
N GLN A 98 -21.66 -10.47 -21.87
CA GLN A 98 -22.65 -9.64 -22.56
C GLN A 98 -22.69 -8.15 -22.20
N GLU A 99 -22.67 -7.85 -20.90
CA GLU A 99 -22.71 -6.46 -20.46
C GLU A 99 -21.59 -5.60 -21.06
N ASP A 100 -20.34 -6.01 -20.85
CA ASP A 100 -19.18 -5.30 -21.38
C ASP A 100 -19.29 -5.08 -22.88
N ALA A 101 -19.71 -6.14 -23.58
CA ALA A 101 -19.86 -6.06 -25.03
C ALA A 101 -20.75 -4.88 -25.43
N GLU A 102 -21.85 -4.70 -24.71
CA GLU A 102 -22.78 -3.60 -24.99
C GLU A 102 -22.19 -2.25 -24.60
N ALA A 103 -21.49 -2.22 -23.47
CA ALA A 103 -20.86 -1.00 -22.95
C ALA A 103 -19.87 -0.37 -23.92
N ILE A 104 -18.93 -1.16 -24.42
CA ILE A 104 -17.93 -0.64 -25.34
C ILE A 104 -18.54 0.04 -26.56
N THR A 105 -19.78 -0.34 -26.89
CA THR A 105 -20.50 0.24 -28.01
C THR A 105 -20.54 1.77 -27.94
N HIS A 106 -20.47 2.31 -26.72
CA HIS A 106 -20.52 3.75 -26.54
C HIS A 106 -19.19 4.46 -26.64
N LEU A 107 -18.14 3.72 -26.97
CA LEU A 107 -16.81 4.32 -27.11
C LEU A 107 -16.47 4.61 -28.56
N PHE A 108 -15.82 5.74 -28.78
CA PHE A 108 -15.41 6.14 -30.12
C PHE A 108 -16.53 5.96 -31.14
N THR A 109 -17.62 6.67 -30.95
CA THR A 109 -18.76 6.58 -31.86
C THR A 109 -18.44 7.27 -33.19
N ASP A 110 -17.44 8.14 -33.18
CA ASP A 110 -17.05 8.85 -34.39
C ASP A 110 -16.56 7.89 -35.45
N VAL A 111 -15.38 7.32 -35.21
CA VAL A 111 -14.71 6.38 -36.11
C VAL A 111 -15.58 5.66 -37.14
N GLN A 112 -15.01 5.48 -38.33
CA GLN A 112 -15.69 4.81 -39.42
C GLN A 112 -15.51 3.30 -39.36
N ASN A 113 -14.42 2.85 -38.75
CA ASN A 113 -14.12 1.42 -38.65
C ASN A 113 -13.90 0.92 -37.22
N ARG A 114 -14.79 0.04 -36.76
CA ARG A 114 -14.68 -0.55 -35.42
C ARG A 114 -14.38 -2.04 -35.54
N TYR A 115 -13.26 -2.47 -35.00
CA TYR A 115 -12.86 -3.88 -35.04
C TYR A 115 -12.76 -4.44 -33.62
N THR A 116 -13.21 -5.67 -33.43
CA THR A 116 -13.10 -6.29 -32.10
C THR A 116 -12.16 -7.47 -32.25
N PHE A 117 -11.03 -7.42 -31.56
CA PHE A 117 -10.05 -8.50 -31.60
C PHE A 117 -10.68 -9.82 -31.21
N ALA A 118 -10.04 -10.91 -31.63
CA ALA A 118 -10.54 -12.24 -31.33
C ALA A 118 -10.14 -12.64 -29.93
N PHE A 119 -9.08 -12.01 -29.44
CA PHE A 119 -8.53 -12.30 -28.12
C PHE A 119 -8.90 -11.27 -27.04
N GLY A 120 -8.69 -11.66 -25.78
CA GLY A 120 -8.98 -10.79 -24.66
C GLY A 120 -7.77 -9.97 -24.27
N GLY A 121 -7.95 -9.07 -23.31
CA GLY A 121 -6.86 -8.22 -22.91
C GLY A 121 -6.06 -8.73 -21.72
N ASN A 122 -6.39 -9.92 -21.23
CA ASN A 122 -5.66 -10.46 -20.10
C ASN A 122 -4.19 -10.72 -20.45
N TYR A 123 -3.34 -10.67 -19.44
CA TYR A 123 -1.90 -10.88 -19.66
C TYR A 123 -1.56 -12.22 -20.27
N ASP A 124 -2.17 -13.30 -19.78
CA ASP A 124 -1.87 -14.61 -20.32
C ASP A 124 -1.98 -14.59 -21.84
N ARG A 125 -3.19 -14.33 -22.32
CA ARG A 125 -3.42 -14.31 -23.74
C ARG A 125 -2.46 -13.38 -24.47
N LEU A 126 -2.21 -12.20 -23.91
CA LEU A 126 -1.31 -11.24 -24.52
C LEU A 126 0.14 -11.71 -24.60
N GLU A 127 0.62 -12.35 -23.54
CA GLU A 127 2.00 -12.86 -23.51
C GLU A 127 2.13 -13.95 -24.55
N GLN A 128 1.14 -14.82 -24.62
CA GLN A 128 1.15 -15.88 -25.59
C GLN A 128 1.34 -15.29 -27.00
N LEU A 129 0.42 -14.42 -27.42
CA LEU A 129 0.48 -13.80 -28.73
C LEU A 129 1.79 -13.05 -28.99
N ALA A 130 2.35 -12.46 -27.94
CA ALA A 130 3.59 -11.71 -28.08
C ALA A 130 4.79 -12.65 -28.17
N GLY A 131 4.60 -13.87 -27.68
CA GLY A 131 5.69 -14.82 -27.70
C GLY A 131 6.71 -14.34 -26.67
N ASN A 132 6.21 -13.66 -25.65
CA ASN A 132 7.07 -13.13 -24.59
C ASN A 132 6.34 -13.04 -23.27
N LEU A 133 7.11 -13.10 -22.19
CA LEU A 133 6.56 -12.98 -20.85
C LEU A 133 6.89 -11.57 -20.36
N ARG A 134 6.01 -11.00 -19.54
CA ARG A 134 6.21 -9.68 -18.98
C ARG A 134 7.64 -9.50 -18.48
N GLU A 135 8.26 -10.60 -18.04
CA GLU A 135 9.62 -10.58 -17.52
C GLU A 135 10.66 -10.27 -18.59
N ASN A 136 10.30 -10.40 -19.86
CA ASN A 136 11.24 -10.17 -20.96
C ASN A 136 10.96 -8.92 -21.79
N ILE A 137 9.81 -8.30 -21.55
CA ILE A 137 9.45 -7.10 -22.29
C ILE A 137 9.91 -5.93 -21.45
N GLU A 138 10.76 -5.08 -22.01
CA GLU A 138 11.27 -3.94 -21.26
C GLU A 138 10.27 -2.80 -21.15
N LEU A 139 10.43 -1.98 -20.13
CA LEU A 139 9.56 -0.84 -19.88
C LEU A 139 10.41 0.42 -19.80
N GLY A 140 9.79 1.57 -20.08
CA GLY A 140 10.50 2.82 -20.05
C GLY A 140 9.86 3.79 -21.03
N ASN A 141 10.44 4.98 -21.18
CA ASN A 141 9.85 5.94 -22.10
C ASN A 141 10.07 5.47 -23.54
N GLY A 142 11.27 5.01 -23.84
CA GLY A 142 11.56 4.51 -25.18
C GLY A 142 10.54 3.46 -25.54
N PRO A 143 10.40 2.40 -24.72
CA PRO A 143 9.41 1.38 -25.04
C PRO A 143 8.00 1.95 -25.20
N LEU A 144 7.68 3.01 -24.46
CA LEU A 144 6.34 3.60 -24.58
C LEU A 144 6.19 4.27 -25.95
N GLU A 145 7.23 4.94 -26.42
CA GLU A 145 7.18 5.59 -27.73
C GLU A 145 6.94 4.54 -28.81
N GLU A 146 7.77 3.50 -28.76
CA GLU A 146 7.71 2.41 -29.72
C GLU A 146 6.33 1.76 -29.71
N ALA A 147 5.76 1.59 -28.52
CA ALA A 147 4.44 0.98 -28.38
C ALA A 147 3.37 1.88 -29.00
N ILE A 148 3.54 3.19 -28.85
CA ILE A 148 2.55 4.11 -29.43
C ILE A 148 2.60 3.99 -30.95
N SER A 149 3.80 3.94 -31.52
CA SER A 149 3.93 3.82 -32.96
C SER A 149 3.31 2.52 -33.43
N ALA A 150 3.71 1.43 -32.78
CA ALA A 150 3.22 0.11 -33.14
C ALA A 150 1.71 0.12 -33.11
N LEU A 151 1.16 0.75 -32.07
CA LEU A 151 -0.28 0.82 -31.91
C LEU A 151 -0.94 1.63 -33.03
N TYR A 152 -0.29 2.73 -33.41
CA TYR A 152 -0.82 3.58 -34.46
C TYR A 152 -0.85 2.92 -35.83
N TYR A 153 0.26 2.31 -36.21
CA TYR A 153 0.35 1.70 -37.52
C TYR A 153 -0.44 0.41 -37.72
N TYR A 154 -0.90 -0.21 -36.65
CA TYR A 154 -1.68 -1.41 -36.82
C TYR A 154 -2.92 -1.05 -37.64
N SER A 155 -3.32 0.22 -37.56
CA SER A 155 -4.48 0.70 -38.30
C SER A 155 -4.21 0.82 -39.80
N THR A 156 -2.97 1.19 -40.15
CA THR A 156 -2.61 1.31 -41.56
C THR A 156 -2.25 -0.07 -42.13
N GLY A 157 -1.81 -0.97 -41.26
CA GLY A 157 -1.47 -2.31 -41.69
C GLY A 157 0.00 -2.70 -41.56
N GLY A 158 0.82 -1.81 -41.01
CA GLY A 158 2.23 -2.13 -40.88
C GLY A 158 2.75 -2.58 -39.52
N THR A 159 1.96 -3.36 -38.79
CA THR A 159 2.38 -3.86 -37.47
C THR A 159 1.90 -5.30 -37.30
N GLN A 160 2.82 -6.22 -37.05
CA GLN A 160 2.45 -7.62 -36.87
C GLN A 160 1.82 -7.86 -35.49
N LEU A 161 0.91 -8.82 -35.43
CA LEU A 161 0.20 -9.16 -34.19
C LEU A 161 1.09 -9.37 -32.96
N PRO A 162 2.22 -10.09 -33.10
CA PRO A 162 3.08 -10.30 -31.94
C PRO A 162 3.48 -8.95 -31.35
N THR A 163 3.87 -8.02 -32.21
CA THR A 163 4.28 -6.68 -31.79
C THR A 163 3.13 -5.87 -31.22
N LEU A 164 1.93 -6.09 -31.73
CA LEU A 164 0.77 -5.37 -31.23
C LEU A 164 0.61 -5.75 -29.77
N ALA A 165 0.52 -7.05 -29.54
CA ALA A 165 0.35 -7.61 -28.20
C ALA A 165 1.41 -7.11 -27.21
N ARG A 166 2.67 -7.10 -27.64
CA ARG A 166 3.77 -6.64 -26.80
C ARG A 166 3.56 -5.17 -26.45
N SER A 167 3.02 -4.42 -27.40
CA SER A 167 2.76 -3.00 -27.20
C SER A 167 1.68 -2.79 -26.14
N PHE A 168 0.66 -3.64 -26.18
CA PHE A 168 -0.42 -3.57 -25.21
C PHE A 168 0.12 -3.85 -23.80
N ILE A 169 0.94 -4.88 -23.65
CA ILE A 169 1.54 -5.23 -22.36
C ILE A 169 2.32 -4.05 -21.77
N ILE A 170 2.88 -3.22 -22.64
CA ILE A 170 3.63 -2.06 -22.17
C ILE A 170 2.68 -0.95 -21.68
N CYS A 171 1.68 -0.61 -22.50
CA CYS A 171 0.76 0.43 -22.13
C CYS A 171 -0.02 0.10 -20.86
N ILE A 172 -0.45 -1.15 -20.76
CA ILE A 172 -1.23 -1.56 -19.61
C ILE A 172 -0.43 -1.41 -18.32
N GLN A 173 0.86 -1.70 -18.38
CA GLN A 173 1.70 -1.61 -17.20
C GLN A 173 2.11 -0.21 -16.79
N MET A 174 2.49 0.62 -17.74
CA MET A 174 2.93 1.98 -17.46
C MET A 174 1.77 2.95 -17.20
N ILE A 175 0.55 2.48 -17.41
CA ILE A 175 -0.59 3.35 -17.19
C ILE A 175 -1.55 2.78 -16.17
N SER A 176 -2.14 1.62 -16.46
CA SER A 176 -3.09 1.00 -15.55
C SER A 176 -2.46 0.49 -14.26
N GLU A 177 -1.41 -0.31 -14.39
CA GLU A 177 -0.73 -0.85 -13.22
C GLU A 177 -0.11 0.28 -12.42
N ALA A 178 0.29 1.34 -13.12
CA ALA A 178 0.92 2.47 -12.45
C ALA A 178 -0.12 3.21 -11.60
N ALA A 179 -1.32 3.38 -12.14
CA ALA A 179 -2.36 4.07 -11.41
C ALA A 179 -2.74 3.25 -10.17
N ARG A 180 -2.74 1.93 -10.31
CA ARG A 180 -3.10 1.03 -9.23
C ARG A 180 -2.11 0.92 -8.07
N PHE A 181 -0.82 1.09 -8.35
CA PHE A 181 0.20 0.95 -7.30
C PHE A 181 1.27 2.04 -7.30
N GLN A 182 1.38 2.77 -6.20
CA GLN A 182 2.40 3.81 -6.08
C GLN A 182 3.76 3.16 -6.30
N TYR A 183 3.88 1.92 -5.86
CA TYR A 183 5.11 1.15 -6.01
C TYR A 183 5.48 1.04 -7.49
N ILE A 184 4.50 0.66 -8.30
CA ILE A 184 4.76 0.50 -9.72
C ILE A 184 4.94 1.84 -10.43
N GLU A 185 4.26 2.87 -9.93
CA GLU A 185 4.40 4.20 -10.53
C GLU A 185 5.86 4.63 -10.32
N GLY A 186 6.37 4.38 -9.11
CA GLY A 186 7.73 4.73 -8.79
C GLY A 186 8.71 3.98 -9.65
N GLU A 187 8.42 2.70 -9.89
CA GLU A 187 9.27 1.86 -10.73
C GLU A 187 9.41 2.51 -12.11
N MET A 188 8.28 2.93 -12.67
CA MET A 188 8.26 3.57 -13.97
C MET A 188 8.97 4.91 -13.89
N ARG A 189 8.79 5.61 -12.78
CA ARG A 189 9.41 6.91 -12.59
C ARG A 189 10.94 6.75 -12.56
N THR A 190 11.40 5.63 -12.02
CA THR A 190 12.83 5.37 -11.95
C THR A 190 13.39 5.20 -13.35
N ARG A 191 12.71 4.42 -14.17
CA ARG A 191 13.16 4.18 -15.54
C ARG A 191 13.25 5.49 -16.34
N ILE A 192 12.25 6.35 -16.17
CA ILE A 192 12.27 7.61 -16.87
C ILE A 192 13.41 8.47 -16.34
N ARG A 193 13.56 8.54 -15.03
CA ARG A 193 14.60 9.37 -14.44
C ARG A 193 16.02 9.10 -14.97
N TYR A 194 16.34 7.83 -15.18
CA TYR A 194 17.67 7.43 -15.63
C TYR A 194 17.75 6.95 -17.07
N ASN A 195 16.66 7.14 -17.81
CA ASN A 195 16.59 6.71 -19.18
C ASN A 195 16.92 5.22 -19.31
N ARG A 196 16.27 4.41 -18.47
CA ARG A 196 16.48 2.97 -18.47
C ARG A 196 15.36 2.23 -19.21
N ARG A 197 15.73 1.16 -19.89
CA ARG A 197 14.77 0.30 -20.57
C ARG A 197 15.02 -0.99 -19.81
N SER A 198 14.03 -1.49 -19.09
CA SER A 198 14.26 -2.73 -18.38
C SER A 198 12.98 -3.43 -18.01
N ALA A 199 12.99 -4.76 -18.10
CA ALA A 199 11.81 -5.55 -17.76
C ALA A 199 11.50 -5.39 -16.27
N PRO A 200 10.21 -5.56 -15.90
CA PRO A 200 9.82 -5.45 -14.50
C PRO A 200 10.40 -6.56 -13.64
N ASP A 201 10.61 -6.27 -12.36
CA ASP A 201 11.13 -7.22 -11.39
C ASP A 201 10.03 -8.15 -10.89
N PRO A 202 10.41 -9.20 -10.18
CA PRO A 202 9.41 -10.14 -9.64
C PRO A 202 8.38 -9.44 -8.75
N SER A 203 8.81 -8.42 -8.02
CA SER A 203 7.91 -7.69 -7.12
C SER A 203 6.80 -6.97 -7.88
N VAL A 204 7.13 -6.46 -9.06
CA VAL A 204 6.16 -5.77 -9.89
C VAL A 204 5.16 -6.76 -10.46
N ILE A 205 5.66 -7.85 -11.05
CA ILE A 205 4.82 -8.90 -11.62
C ILE A 205 3.86 -9.42 -10.56
N THR A 206 4.37 -9.64 -9.36
CA THR A 206 3.57 -10.18 -8.27
C THR A 206 2.47 -9.22 -7.82
N LEU A 207 2.80 -7.93 -7.72
CA LEU A 207 1.80 -6.96 -7.31
C LEU A 207 0.71 -6.92 -8.36
N GLU A 208 1.11 -7.00 -9.62
CA GLU A 208 0.13 -6.97 -10.70
C GLU A 208 -0.82 -8.15 -10.62
N ASN A 209 -0.28 -9.34 -10.38
CA ASN A 209 -1.11 -10.53 -10.30
C ASN A 209 -1.92 -10.63 -9.03
N SER A 210 -1.65 -9.77 -8.05
CA SER A 210 -2.35 -9.83 -6.77
C SER A 210 -3.34 -8.71 -6.47
N TRP A 211 -3.47 -7.74 -7.37
CA TRP A 211 -4.38 -6.62 -7.17
C TRP A 211 -5.75 -7.09 -6.70
N GLY A 212 -6.39 -7.95 -7.50
CA GLY A 212 -7.69 -8.45 -7.12
C GLY A 212 -7.70 -9.05 -5.72
N ARG A 213 -6.80 -9.99 -5.46
CA ARG A 213 -6.74 -10.64 -4.16
C ARG A 213 -6.56 -9.63 -3.04
N LEU A 214 -5.66 -8.68 -3.21
CA LEU A 214 -5.42 -7.65 -2.20
C LEU A 214 -6.66 -6.79 -1.99
N SER A 215 -7.34 -6.45 -3.07
CA SER A 215 -8.54 -5.63 -2.97
C SER A 215 -9.53 -6.36 -2.08
N THR A 216 -9.68 -7.65 -2.31
CA THR A 216 -10.60 -8.47 -1.53
C THR A 216 -10.16 -8.61 -0.07
N ALA A 217 -8.91 -9.00 0.14
CA ALA A 217 -8.39 -9.19 1.47
C ALA A 217 -8.59 -7.95 2.32
N ILE A 218 -8.23 -6.80 1.78
CA ILE A 218 -8.36 -5.54 2.50
C ILE A 218 -9.82 -5.20 2.82
N GLN A 219 -10.67 -5.21 1.81
CA GLN A 219 -12.08 -4.87 1.99
C GLN A 219 -12.88 -5.79 2.91
N GLU A 220 -12.57 -7.08 2.93
CA GLU A 220 -13.28 -7.96 3.83
C GLU A 220 -12.35 -8.48 4.90
N SER A 221 -11.69 -7.53 5.56
CA SER A 221 -10.76 -7.82 6.63
C SER A 221 -11.43 -7.42 7.94
N ASN A 222 -10.87 -7.87 9.05
CA ASN A 222 -11.41 -7.52 10.34
C ASN A 222 -10.47 -6.49 10.93
N GLN A 223 -10.87 -5.23 10.82
CA GLN A 223 -10.04 -4.13 11.32
C GLN A 223 -8.63 -4.24 10.78
N GLY A 224 -8.51 -4.31 9.45
CA GLY A 224 -7.21 -4.40 8.83
C GLY A 224 -6.51 -5.73 8.91
N ALA A 225 -7.05 -6.68 9.66
CA ALA A 225 -6.40 -8.00 9.76
C ALA A 225 -6.95 -8.93 8.69
N PHE A 226 -6.06 -9.63 7.98
CA PHE A 226 -6.53 -10.54 6.96
C PHE A 226 -6.86 -11.92 7.57
N ALA A 227 -7.75 -12.65 6.92
CA ALA A 227 -8.15 -13.98 7.36
C ALA A 227 -7.15 -15.01 6.82
N SER A 228 -6.54 -14.67 5.69
CA SER A 228 -5.57 -15.55 5.04
C SER A 228 -4.45 -14.63 4.58
N PRO A 229 -3.19 -15.04 4.76
CA PRO A 229 -2.11 -14.15 4.31
C PRO A 229 -2.03 -14.08 2.79
N ILE A 230 -1.57 -12.95 2.28
CA ILE A 230 -1.40 -12.78 0.84
C ILE A 230 0.12 -12.81 0.64
N GLN A 231 0.61 -13.62 -0.29
CA GLN A 231 2.04 -13.70 -0.48
C GLN A 231 2.57 -12.81 -1.60
N LEU A 232 3.59 -12.02 -1.27
CA LEU A 232 4.19 -11.10 -2.22
C LEU A 232 5.68 -11.38 -2.40
N GLN A 233 6.27 -10.76 -3.41
CA GLN A 233 7.69 -10.93 -3.70
C GLN A 233 8.48 -9.64 -3.51
N ARG A 234 9.78 -9.80 -3.32
CA ARG A 234 10.68 -8.68 -3.16
C ARG A 234 11.40 -8.54 -4.49
N ARG A 235 12.13 -7.45 -4.68
CA ARG A 235 12.84 -7.25 -5.94
C ARG A 235 13.75 -8.45 -6.25
N ASN A 236 14.45 -8.95 -5.22
CA ASN A 236 15.36 -10.08 -5.41
C ASN A 236 14.66 -11.42 -5.64
N GLY A 237 13.32 -11.43 -5.58
CA GLY A 237 12.59 -12.67 -5.80
C GLY A 237 12.12 -13.43 -4.57
N SER A 238 12.68 -13.13 -3.40
CA SER A 238 12.29 -13.83 -2.18
C SER A 238 10.85 -13.47 -1.78
N LYS A 239 10.17 -14.39 -1.11
CA LYS A 239 8.79 -14.14 -0.70
C LYS A 239 8.66 -13.61 0.71
N PHE A 240 7.50 -13.05 1.00
CA PHE A 240 7.15 -12.54 2.31
C PHE A 240 5.63 -12.50 2.36
N SER A 241 5.06 -12.68 3.54
CA SER A 241 3.60 -12.69 3.65
C SER A 241 3.06 -11.46 4.35
N VAL A 242 1.93 -10.99 3.85
CA VAL A 242 1.26 -9.84 4.39
C VAL A 242 0.03 -10.35 5.11
N TYR A 243 -0.14 -9.91 6.35
CA TYR A 243 -1.25 -10.33 7.21
C TYR A 243 -2.13 -9.17 7.59
N ASP A 244 -1.60 -7.96 7.46
CA ASP A 244 -2.33 -6.77 7.83
C ASP A 244 -2.34 -5.74 6.69
N VAL A 245 -3.27 -4.80 6.75
CA VAL A 245 -3.39 -3.78 5.71
C VAL A 245 -2.40 -2.62 5.83
N SER A 246 -1.95 -2.30 7.04
CA SER A 246 -1.03 -1.18 7.23
C SER A 246 0.17 -1.10 6.27
N ILE A 247 0.86 -2.21 6.03
CA ILE A 247 2.02 -2.18 5.14
C ILE A 247 1.64 -1.91 3.67
N LEU A 248 0.40 -2.20 3.32
CA LEU A 248 -0.06 -1.99 1.96
C LEU A 248 -0.47 -0.54 1.69
N ILE A 249 -0.94 0.15 2.73
CA ILE A 249 -1.37 1.53 2.59
C ILE A 249 -0.47 2.41 1.70
N PRO A 250 0.86 2.26 1.81
CA PRO A 250 1.66 3.12 0.93
C PRO A 250 1.91 2.50 -0.45
N ILE A 251 1.48 1.25 -0.64
CA ILE A 251 1.70 0.52 -1.88
C ILE A 251 0.55 0.49 -2.91
N ILE A 252 -0.67 0.23 -2.46
CA ILE A 252 -1.82 0.20 -3.36
C ILE A 252 -2.45 1.60 -3.40
N ALA A 253 -2.78 2.07 -4.60
CA ALA A 253 -3.36 3.39 -4.77
C ALA A 253 -4.85 3.31 -5.09
N LEU A 254 -5.24 2.21 -5.72
CA LEU A 254 -6.61 1.96 -6.11
C LEU A 254 -6.99 0.51 -5.82
N MET A 255 -8.25 0.28 -5.50
CA MET A 255 -8.77 -1.05 -5.23
C MET A 255 -10.06 -1.24 -6.03
N VAL A 256 -10.24 -2.44 -6.59
CA VAL A 256 -11.48 -2.72 -7.31
C VAL A 256 -12.55 -3.03 -6.23
N TYR A 257 -13.76 -2.54 -6.45
CA TYR A 257 -14.87 -2.74 -5.52
C TYR A 257 -15.17 -4.22 -5.37
N ARG A 258 -15.34 -4.69 -4.13
CA ARG A 258 -15.64 -6.09 -3.89
C ARG A 258 -16.95 -6.29 -3.16
N CYS A 259 -17.18 -5.48 -2.13
CA CYS A 259 -18.38 -5.60 -1.33
C CYS A 259 -18.69 -4.26 -0.70
N ALA A 260 -19.88 -4.11 -0.15
CA ALA A 260 -20.27 -2.86 0.49
C ALA A 260 -19.88 -2.83 1.95
N PRO A 261 -19.63 -1.62 2.48
CA PRO A 261 -19.25 -1.45 3.89
C PRO A 261 -20.46 -1.74 4.78
N PRO A 262 -20.21 -2.17 6.03
CA PRO A 262 -21.32 -2.46 6.95
C PRO A 262 -22.15 -1.20 7.23
N ALA B 1 -21.13 -7.83 -4.63
CA ALA B 1 -21.84 -9.00 -4.02
C ALA B 1 -21.93 -8.86 -2.50
N ASP B 2 -23.16 -8.87 -1.99
CA ASP B 2 -23.41 -8.76 -0.55
C ASP B 2 -22.67 -7.60 0.12
N VAL B 3 -22.88 -7.45 1.42
CA VAL B 3 -22.21 -6.43 2.19
C VAL B 3 -20.95 -7.15 2.67
N CYS B 4 -19.86 -6.42 2.82
CA CYS B 4 -18.62 -7.03 3.25
C CYS B 4 -18.79 -7.86 4.52
N MET B 5 -18.39 -9.13 4.43
CA MET B 5 -18.49 -10.06 5.53
C MET B 5 -17.12 -10.18 6.22
N ASP B 6 -16.91 -9.46 7.32
CA ASP B 6 -15.60 -9.56 7.98
C ASP B 6 -15.44 -10.90 8.70
N PRO B 7 -14.21 -11.41 8.75
CA PRO B 7 -13.93 -12.69 9.40
C PRO B 7 -13.44 -12.54 10.85
N GLU B 8 -12.88 -13.63 11.37
CA GLU B 8 -12.33 -13.63 12.71
C GLU B 8 -10.99 -14.35 12.62
N PRO B 9 -9.95 -13.63 12.22
CA PRO B 9 -8.61 -14.21 12.10
C PRO B 9 -7.93 -14.51 13.44
N ILE B 10 -7.17 -15.59 13.46
CA ILE B 10 -6.41 -16.02 14.62
C ILE B 10 -5.03 -15.48 14.29
N VAL B 11 -4.52 -14.55 15.08
CA VAL B 11 -3.23 -13.96 14.75
C VAL B 11 -2.42 -13.59 16.00
N ARG B 12 -1.15 -13.22 15.81
CA ARG B 12 -0.36 -12.78 16.96
C ARG B 12 -0.48 -11.27 17.02
N ILE B 13 -0.12 -10.69 18.15
CA ILE B 13 -0.18 -9.24 18.28
C ILE B 13 1.21 -8.80 18.68
N VAL B 14 1.93 -8.23 17.71
CA VAL B 14 3.29 -7.75 17.93
C VAL B 14 3.30 -6.27 18.29
N GLY B 15 4.17 -5.91 19.23
CA GLY B 15 4.24 -4.53 19.64
C GLY B 15 5.67 -4.11 19.92
N ARG B 16 5.82 -3.22 20.90
CA ARG B 16 7.10 -2.69 21.31
C ARG B 16 8.26 -3.66 21.15
N ASN B 17 9.31 -3.19 20.48
CA ASN B 17 10.51 -3.97 20.23
C ASN B 17 10.28 -5.30 19.53
N GLY B 18 9.14 -5.45 18.90
CA GLY B 18 8.89 -6.69 18.20
C GLY B 18 8.49 -7.83 19.11
N LEU B 19 8.18 -7.55 20.38
CA LEU B 19 7.75 -8.58 21.31
C LEU B 19 6.28 -8.91 21.06
N CYS B 20 5.79 -10.00 21.64
CA CYS B 20 4.40 -10.40 21.44
C CYS B 20 3.47 -10.27 22.65
N VAL B 21 2.18 -10.07 22.39
CA VAL B 21 1.17 -9.98 23.44
C VAL B 21 1.07 -11.42 23.94
N ASP B 22 1.47 -11.64 25.18
CA ASP B 22 1.53 -12.98 25.76
C ASP B 22 0.78 -13.20 27.09
N VAL B 23 0.05 -14.31 27.21
CA VAL B 23 -0.66 -14.64 28.44
C VAL B 23 0.35 -15.33 29.36
N ARG B 24 0.70 -14.67 30.47
CA ARG B 24 1.70 -15.18 31.40
C ARG B 24 1.67 -16.64 31.83
N ASP B 25 2.81 -17.29 31.64
CA ASP B 25 3.03 -18.70 31.98
C ASP B 25 1.98 -19.65 31.42
N GLY B 26 1.40 -19.30 30.27
CA GLY B 26 0.40 -20.14 29.65
C GLY B 26 -0.76 -20.59 30.52
N ARG B 27 -1.04 -19.87 31.60
CA ARG B 27 -2.15 -20.25 32.48
C ARG B 27 -3.32 -19.31 32.22
N PHE B 28 -4.55 -19.83 32.34
CA PHE B 28 -5.71 -19.01 32.04
C PHE B 28 -6.71 -18.69 33.14
N HIS B 29 -6.26 -18.72 34.39
CA HIS B 29 -7.16 -18.40 35.50
C HIS B 29 -7.54 -16.93 35.38
N ASN B 30 -8.77 -16.59 35.72
CA ASN B 30 -9.21 -15.21 35.65
C ASN B 30 -8.36 -14.22 36.42
N GLY B 31 -7.77 -13.27 35.71
CA GLY B 31 -6.94 -12.28 36.35
C GLY B 31 -5.47 -12.40 35.98
N ASN B 32 -5.06 -13.56 35.44
CA ASN B 32 -3.66 -13.76 35.07
C ASN B 32 -3.26 -12.64 34.10
N ALA B 33 -2.05 -12.14 34.28
CA ALA B 33 -1.54 -11.01 33.49
C ALA B 33 -1.25 -11.27 32.02
N ILE B 34 -1.33 -10.20 31.24
CA ILE B 34 -0.99 -10.23 29.82
C ILE B 34 0.36 -9.51 29.79
N GLN B 35 1.32 -10.04 29.04
CA GLN B 35 2.64 -9.42 29.02
C GLN B 35 3.31 -9.43 27.66
N LEU B 36 4.39 -8.65 27.53
CA LEU B 36 5.18 -8.64 26.30
C LEU B 36 6.09 -9.85 26.48
N TRP B 37 6.41 -10.52 25.39
CA TRP B 37 7.27 -11.69 25.50
C TRP B 37 7.78 -12.11 24.14
N PRO B 38 9.06 -12.52 24.06
CA PRO B 38 9.62 -12.95 22.79
C PRO B 38 8.61 -13.82 22.05
N CYS B 39 8.39 -13.52 20.77
CA CYS B 39 7.43 -14.26 20.00
C CYS B 39 7.90 -15.70 19.76
N LYS B 40 6.94 -16.61 19.78
CA LYS B 40 7.23 -18.01 19.62
C LYS B 40 6.84 -18.55 18.25
N SER B 41 7.58 -19.57 17.81
CA SER B 41 7.32 -20.22 16.54
C SER B 41 6.71 -21.56 16.91
N ASN B 42 5.39 -21.59 17.01
CA ASN B 42 4.64 -22.80 17.34
C ASN B 42 3.17 -22.50 17.49
N THR B 43 2.44 -23.32 18.22
CA THR B 43 1.02 -23.09 18.37
C THR B 43 0.49 -22.94 19.79
N ASP B 44 1.33 -22.44 20.69
CA ASP B 44 0.88 -22.24 22.06
C ASP B 44 -0.20 -21.16 22.05
N ALA B 45 -1.41 -21.56 22.43
CA ALA B 45 -2.55 -20.66 22.44
C ALA B 45 -2.34 -19.37 23.22
N ASN B 46 -1.38 -19.36 24.14
CA ASN B 46 -1.16 -18.19 24.97
C ASN B 46 -0.54 -17.00 24.22
N GLN B 47 -0.23 -17.19 22.95
CA GLN B 47 0.37 -16.13 22.18
C GLN B 47 -0.41 -15.89 20.88
N LEU B 48 -1.52 -16.62 20.72
CA LEU B 48 -2.36 -16.48 19.53
C LEU B 48 -3.68 -15.87 19.92
N TRP B 49 -4.13 -14.89 19.14
CA TRP B 49 -5.38 -14.22 19.47
C TRP B 49 -6.38 -14.18 18.34
N THR B 50 -7.64 -14.40 18.71
CA THR B 50 -8.73 -14.37 17.75
C THR B 50 -9.47 -13.06 17.86
N LEU B 51 -9.55 -12.35 16.73
CA LEU B 51 -10.25 -11.07 16.66
C LEU B 51 -11.72 -11.34 16.34
N LYS B 52 -12.53 -11.50 17.39
CA LYS B 52 -13.95 -11.79 17.24
C LYS B 52 -14.72 -10.63 16.63
N ARG B 53 -15.86 -10.92 16.04
CA ARG B 53 -16.70 -9.90 15.42
C ARG B 53 -17.28 -8.93 16.44
N ASP B 54 -17.50 -9.42 17.66
CA ASP B 54 -18.08 -8.60 18.73
C ASP B 54 -17.11 -7.57 19.32
N ASN B 55 -15.90 -7.52 18.75
CA ASN B 55 -14.87 -6.59 19.21
C ASN B 55 -14.07 -7.06 20.42
N THR B 56 -14.04 -8.37 20.65
CA THR B 56 -13.25 -8.88 21.76
C THR B 56 -12.05 -9.62 21.18
N ILE B 57 -10.91 -9.57 21.89
CA ILE B 57 -9.71 -10.25 21.44
C ILE B 57 -9.55 -11.45 22.37
N ARG B 58 -9.58 -12.64 21.80
CA ARG B 58 -9.51 -13.85 22.62
C ARG B 58 -8.34 -14.78 22.42
N SER B 59 -7.83 -15.28 23.54
CA SER B 59 -6.76 -16.25 23.55
C SER B 59 -7.27 -17.48 24.29
N ASN B 60 -7.16 -18.63 23.64
CA ASN B 60 -7.60 -19.88 24.21
C ASN B 60 -9.02 -19.84 24.79
N GLY B 61 -9.87 -18.99 24.25
CA GLY B 61 -11.24 -18.93 24.73
C GLY B 61 -11.59 -17.81 25.67
N LYS B 62 -10.59 -17.26 26.35
CA LYS B 62 -10.83 -16.17 27.29
C LYS B 62 -10.70 -14.80 26.64
N CYS B 63 -11.09 -13.76 27.35
CA CYS B 63 -11.05 -12.39 26.83
C CYS B 63 -9.97 -11.47 27.38
N LEU B 64 -9.36 -10.69 26.48
CA LEU B 64 -8.35 -9.71 26.86
C LEU B 64 -9.17 -8.66 27.59
N THR B 65 -8.98 -8.54 28.89
CA THR B 65 -9.75 -7.60 29.69
C THR B 65 -8.93 -6.58 30.44
N THR B 66 -9.45 -5.36 30.56
CA THR B 66 -8.77 -4.32 31.30
C THR B 66 -9.27 -4.36 32.75
N TYR B 67 -8.39 -4.08 33.71
CA TYR B 67 -8.75 -4.12 35.12
C TYR B 67 -9.73 -3.00 35.46
N GLY B 68 -9.47 -1.82 34.92
CA GLY B 68 -10.30 -0.66 35.18
C GLY B 68 -10.17 0.37 34.07
N TYR B 69 -10.90 1.47 34.20
CA TYR B 69 -10.86 2.52 33.19
C TYR B 69 -10.04 3.72 33.64
N SER B 70 -8.86 3.45 34.16
CA SER B 70 -7.96 4.48 34.64
C SER B 70 -6.53 4.24 34.20
N PRO B 71 -5.83 5.30 33.75
CA PRO B 71 -4.45 5.19 33.30
C PRO B 71 -3.61 4.44 34.32
N GLY B 72 -2.99 3.34 33.90
CA GLY B 72 -2.17 2.60 34.84
C GLY B 72 -2.60 1.19 35.16
N VAL B 73 -3.90 0.89 35.11
CA VAL B 73 -4.35 -0.47 35.44
C VAL B 73 -3.79 -1.47 34.43
N TYR B 74 -3.71 -2.74 34.82
CA TYR B 74 -3.16 -3.76 33.94
C TYR B 74 -4.21 -4.53 33.15
N VAL B 75 -3.76 -5.15 32.07
CA VAL B 75 -4.63 -5.95 31.22
C VAL B 75 -4.46 -7.39 31.67
N MET B 76 -5.57 -8.11 31.77
CA MET B 76 -5.55 -9.48 32.24
C MET B 76 -6.38 -10.37 31.33
N ILE B 77 -6.26 -11.69 31.52
CA ILE B 77 -7.07 -12.61 30.75
C ILE B 77 -8.27 -12.83 31.67
N TYR B 78 -9.45 -13.06 31.10
CA TYR B 78 -10.61 -13.24 31.96
C TYR B 78 -11.79 -13.89 31.22
N ASP B 79 -12.63 -14.59 31.96
CA ASP B 79 -13.80 -15.24 31.37
C ASP B 79 -14.65 -14.13 30.75
N CYS B 80 -14.88 -14.23 29.44
CA CYS B 80 -15.66 -13.26 28.70
C CYS B 80 -17.06 -12.95 29.24
N ASN B 81 -17.71 -13.96 29.80
CA ASN B 81 -19.06 -13.77 30.35
C ASN B 81 -19.06 -13.15 31.74
N THR B 82 -18.14 -13.57 32.59
CA THR B 82 -18.05 -13.06 33.95
C THR B 82 -17.59 -11.61 34.04
N ALA B 83 -16.63 -11.23 33.19
CA ALA B 83 -16.08 -9.88 33.19
C ALA B 83 -17.04 -8.77 32.81
N ALA B 84 -16.68 -7.53 33.13
CA ALA B 84 -17.52 -6.39 32.78
C ALA B 84 -17.59 -6.35 31.26
N THR B 85 -18.81 -6.43 30.72
CA THR B 85 -18.96 -6.43 29.27
C THR B 85 -18.03 -5.46 28.53
N ASP B 86 -18.25 -4.16 28.67
CA ASP B 86 -17.38 -3.24 27.95
C ASP B 86 -16.03 -2.96 28.62
N ALA B 87 -15.31 -4.03 28.91
CA ALA B 87 -13.99 -3.94 29.51
C ALA B 87 -13.21 -4.99 28.75
N THR B 88 -13.92 -5.65 27.84
CA THR B 88 -13.36 -6.68 26.99
C THR B 88 -13.49 -6.23 25.54
N ARG B 89 -13.95 -4.99 25.36
CA ARG B 89 -14.15 -4.40 24.04
C ARG B 89 -12.95 -3.55 23.60
N TRP B 90 -12.50 -3.76 22.37
CA TRP B 90 -11.38 -3.02 21.82
C TRP B 90 -11.53 -2.80 20.31
N GLN B 91 -10.88 -1.77 19.80
CA GLN B 91 -10.90 -1.48 18.37
C GLN B 91 -9.45 -1.45 17.93
N ILE B 92 -9.15 -2.07 16.80
CA ILE B 92 -7.78 -2.05 16.30
C ILE B 92 -7.74 -1.05 15.13
N TRP B 93 -7.09 0.09 15.35
CA TRP B 93 -6.98 1.14 14.33
C TRP B 93 -5.89 0.91 13.29
N ASP B 94 -6.09 1.48 12.10
CA ASP B 94 -5.12 1.38 11.00
C ASP B 94 -3.75 1.92 11.36
N ASN B 95 -3.70 2.86 12.31
CA ASN B 95 -2.42 3.43 12.75
C ASN B 95 -1.85 2.71 13.97
N GLY B 96 -2.03 1.39 13.99
CA GLY B 96 -1.51 0.55 15.06
C GLY B 96 -1.97 0.74 16.49
N THR B 97 -3.10 1.40 16.70
CA THR B 97 -3.58 1.62 18.05
C THR B 97 -4.67 0.63 18.42
N ILE B 98 -4.61 0.12 19.65
CA ILE B 98 -5.63 -0.79 20.13
C ILE B 98 -6.26 -0.06 21.32
N ILE B 99 -7.48 0.40 21.11
CA ILE B 99 -8.19 1.20 22.09
C ILE B 99 -9.41 0.59 22.74
N ASN B 100 -9.58 0.94 24.00
CA ASN B 100 -10.72 0.50 24.80
C ASN B 100 -11.75 1.62 24.65
N PRO B 101 -12.77 1.40 23.82
CA PRO B 101 -13.83 2.40 23.59
C PRO B 101 -14.73 2.41 24.82
N ARG B 102 -14.44 3.31 25.75
CA ARG B 102 -15.22 3.37 26.99
C ARG B 102 -14.44 4.27 27.91
N SER B 103 -13.14 4.01 27.98
CA SER B 103 -12.24 4.79 28.80
C SER B 103 -11.35 5.60 27.86
N SER B 104 -11.23 5.12 26.62
CA SER B 104 -10.40 5.75 25.60
C SER B 104 -8.95 5.54 25.93
N LEU B 105 -8.69 4.56 26.78
CA LEU B 105 -7.34 4.25 27.18
C LEU B 105 -6.82 3.23 26.19
N VAL B 106 -5.52 3.27 25.93
CA VAL B 106 -4.89 2.41 24.94
C VAL B 106 -4.03 1.28 25.52
N LEU B 107 -3.97 0.15 24.80
CA LEU B 107 -3.14 -0.98 25.20
C LEU B 107 -1.70 -0.44 25.12
N ALA B 108 -0.94 -0.62 26.19
CA ALA B 108 0.41 -0.10 26.24
C ALA B 108 1.40 -1.06 26.91
N ALA B 109 2.68 -0.78 26.68
CA ALA B 109 3.76 -1.56 27.27
C ALA B 109 4.76 -0.52 27.71
N THR B 110 4.57 0.03 28.91
CA THR B 110 5.44 1.08 29.44
C THR B 110 6.87 0.63 29.68
N SER B 111 7.23 -0.51 29.09
CA SER B 111 8.59 -1.01 29.20
C SER B 111 8.84 -1.96 28.05
N GLY B 112 10.06 -1.94 27.50
CA GLY B 112 10.38 -2.81 26.39
C GLY B 112 10.98 -4.12 26.81
N ASN B 113 11.05 -4.34 28.11
CA ASN B 113 11.62 -5.57 28.67
C ASN B 113 10.75 -6.79 28.53
N SER B 114 11.40 -7.93 28.35
CA SER B 114 10.68 -9.18 28.22
C SER B 114 10.01 -9.46 29.57
N GLY B 115 8.71 -9.76 29.54
CA GLY B 115 7.99 -10.06 30.76
C GLY B 115 7.18 -8.91 31.34
N THR B 116 7.27 -7.73 30.75
CA THR B 116 6.53 -6.56 31.24
C THR B 116 5.03 -6.77 31.11
N THR B 117 4.29 -6.33 32.12
CA THR B 117 2.84 -6.47 32.13
C THR B 117 2.14 -5.35 31.33
N LEU B 118 1.18 -5.75 30.49
CA LEU B 118 0.45 -4.79 29.68
C LEU B 118 -0.53 -3.96 30.50
N THR B 119 -0.69 -2.69 30.13
CA THR B 119 -1.58 -1.79 30.85
C THR B 119 -2.29 -0.90 29.86
N VAL B 120 -3.22 -0.08 30.33
CA VAL B 120 -3.94 0.84 29.46
C VAL B 120 -3.52 2.23 29.91
N GLN B 121 -3.01 3.01 28.97
CA GLN B 121 -2.55 4.37 29.24
C GLN B 121 -3.29 5.39 28.40
N THR B 122 -2.99 6.66 28.61
CA THR B 122 -3.61 7.74 27.86
C THR B 122 -2.92 7.79 26.50
N ASN B 123 -3.75 7.82 25.46
CA ASN B 123 -3.26 7.84 24.09
C ASN B 123 -2.42 9.07 23.76
N ILE B 124 -1.17 8.83 23.41
CA ILE B 124 -0.25 9.90 23.04
C ILE B 124 0.56 9.36 21.87
N TYR B 125 0.00 8.37 21.19
CA TYR B 125 0.64 7.75 20.03
C TYR B 125 2.11 7.47 20.18
N ALA B 126 2.49 6.80 21.26
CA ALA B 126 3.89 6.50 21.50
C ALA B 126 4.23 5.12 20.94
N VAL B 127 5.53 4.81 20.85
CA VAL B 127 5.95 3.50 20.35
C VAL B 127 5.49 2.45 21.37
N SER B 128 5.33 2.88 22.61
CA SER B 128 4.90 1.99 23.68
C SER B 128 3.42 1.72 23.54
N GLN B 129 2.80 2.28 22.50
CA GLN B 129 1.39 2.04 22.30
C GLN B 129 1.05 1.56 20.88
N GLY B 130 2.05 1.14 20.11
CA GLY B 130 1.80 0.67 18.76
C GLY B 130 1.78 -0.85 18.67
N TRP B 131 0.78 -1.40 17.99
CA TRP B 131 0.67 -2.84 17.84
C TRP B 131 0.29 -3.23 16.41
N LEU B 132 0.38 -4.51 16.10
CA LEU B 132 0.06 -4.99 14.78
C LEU B 132 -0.39 -6.44 14.81
N PRO B 133 -1.57 -6.74 14.24
CA PRO B 133 -2.10 -8.11 14.19
C PRO B 133 -1.35 -8.80 13.04
N THR B 134 -0.52 -9.78 13.36
CA THR B 134 0.24 -10.46 12.32
C THR B 134 0.90 -11.75 12.81
N ASN B 135 1.12 -12.68 11.88
CA ASN B 135 1.78 -13.94 12.22
C ASN B 135 3.24 -13.72 11.90
N ASN B 136 3.51 -12.56 11.30
CA ASN B 136 4.83 -12.15 10.89
C ASN B 136 5.58 -11.52 12.06
N THR B 137 6.46 -12.30 12.66
CA THR B 137 7.25 -11.87 13.80
C THR B 137 8.41 -10.91 13.50
N GLN B 138 8.94 -10.97 12.28
CA GLN B 138 10.06 -10.10 11.91
C GLN B 138 9.61 -8.78 11.30
N PRO B 139 10.41 -7.71 11.52
CA PRO B 139 10.12 -6.38 11.00
C PRO B 139 10.41 -6.32 9.51
N PHE B 140 9.77 -5.38 8.82
CA PHE B 140 9.93 -5.23 7.37
C PHE B 140 11.13 -4.36 7.02
N VAL B 141 12.10 -4.95 6.32
CA VAL B 141 13.29 -4.21 5.92
C VAL B 141 13.15 -3.69 4.50
N THR B 142 13.32 -2.38 4.35
CA THR B 142 13.21 -1.78 3.02
C THR B 142 14.15 -0.64 2.82
N THR B 143 13.97 -0.04 1.64
CA THR B 143 14.73 1.10 1.22
C THR B 143 13.68 2.17 1.09
N ILE B 144 13.93 3.31 1.69
CA ILE B 144 12.97 4.40 1.60
C ILE B 144 13.57 5.36 0.58
N VAL B 145 12.86 5.59 -0.52
CA VAL B 145 13.31 6.49 -1.56
C VAL B 145 12.52 7.80 -1.50
N GLY B 146 13.20 8.91 -1.77
CA GLY B 146 12.52 10.20 -1.72
C GLY B 146 12.96 11.19 -2.79
N LEU B 147 12.88 12.48 -2.44
CA LEU B 147 13.24 13.57 -3.33
C LEU B 147 14.36 13.27 -4.32
N TYR B 148 14.09 13.56 -5.58
CA TYR B 148 15.03 13.35 -6.68
C TYR B 148 15.49 11.90 -6.87
N GLY B 149 14.79 10.95 -6.26
CA GLY B 149 15.14 9.56 -6.39
C GLY B 149 16.22 9.13 -5.40
N LEU B 150 16.55 10.03 -4.49
CA LEU B 150 17.56 9.76 -3.48
C LEU B 150 17.01 8.87 -2.36
N CYS B 151 17.90 8.20 -1.65
CA CYS B 151 17.51 7.30 -0.55
C CYS B 151 17.77 7.83 0.85
N LEU B 152 16.90 7.45 1.78
CA LEU B 152 17.05 7.87 3.17
C LEU B 152 18.20 7.05 3.75
N GLN B 153 19.21 7.74 4.30
CA GLN B 153 20.38 7.07 4.85
C GLN B 153 20.69 7.51 6.29
N ALA B 154 21.29 6.61 7.07
CA ALA B 154 21.63 6.91 8.46
C ALA B 154 23.12 6.67 8.71
N ASN B 155 23.77 7.64 9.33
CA ASN B 155 25.20 7.53 9.63
C ASN B 155 25.41 7.87 11.10
N SER B 156 25.08 6.90 11.96
CA SER B 156 25.17 7.03 13.41
C SER B 156 24.06 7.90 13.96
N GLY B 157 24.41 9.01 14.59
CA GLY B 157 23.39 9.87 15.17
C GLY B 157 22.51 10.68 14.25
N GLN B 158 22.85 10.75 12.96
CA GLN B 158 22.07 11.54 12.03
C GLN B 158 21.47 10.75 10.89
N VAL B 159 20.55 11.40 10.18
CA VAL B 159 19.87 10.80 9.03
C VAL B 159 19.62 11.87 7.97
N TRP B 160 19.94 11.53 6.72
CA TRP B 160 19.74 12.44 5.61
C TRP B 160 19.49 11.65 4.34
N ILE B 161 19.28 12.33 3.24
CA ILE B 161 19.01 11.67 1.96
C ILE B 161 20.26 11.73 1.07
N GLU B 162 20.47 10.70 0.26
CA GLU B 162 21.65 10.65 -0.59
C GLU B 162 21.43 9.67 -1.74
N ASP B 163 22.31 9.65 -2.73
CA ASP B 163 22.12 8.74 -3.86
C ASP B 163 22.18 7.28 -3.41
N CYS B 164 21.25 6.48 -3.94
CA CYS B 164 21.12 5.07 -3.59
C CYS B 164 22.14 4.10 -4.13
N SER B 165 22.96 3.55 -3.24
CA SER B 165 23.94 2.55 -3.63
C SER B 165 23.34 1.28 -3.05
N SER B 166 22.95 0.35 -3.91
CA SER B 166 22.33 -0.89 -3.45
C SER B 166 23.24 -1.76 -2.59
N GLU B 170 24.72 1.52 5.26
CA GLU B 170 23.34 0.96 5.12
C GLU B 170 22.27 2.06 4.94
N GLN B 171 21.37 1.79 4.00
CA GLN B 171 20.26 2.68 3.68
C GLN B 171 19.00 1.83 3.79
N GLN B 172 19.17 0.63 4.37
CA GLN B 172 18.06 -0.30 4.58
C GLN B 172 17.47 -0.03 5.97
N TRP B 173 16.15 0.00 6.05
CA TRP B 173 15.48 0.26 7.32
C TRP B 173 14.51 -0.84 7.70
N ALA B 174 14.33 -1.04 9.00
CA ALA B 174 13.41 -2.03 9.49
C ALA B 174 12.18 -1.33 10.07
N LEU B 175 11.01 -1.67 9.56
CA LEU B 175 9.77 -1.08 10.04
C LEU B 175 9.20 -2.04 11.07
N TYR B 176 9.18 -1.62 12.33
CA TYR B 176 8.67 -2.45 13.43
C TYR B 176 7.17 -2.35 13.64
N ALA B 177 6.61 -3.38 14.29
CA ALA B 177 5.19 -3.42 14.57
C ALA B 177 4.78 -2.25 15.46
N ASP B 178 5.67 -1.84 16.36
CA ASP B 178 5.38 -0.73 17.26
C ASP B 178 5.35 0.62 16.55
N GLY B 179 5.54 0.60 15.23
CA GLY B 179 5.50 1.84 14.47
C GLY B 179 6.80 2.60 14.33
N SER B 180 7.90 2.04 14.84
CA SER B 180 9.17 2.73 14.74
C SER B 180 9.92 2.37 13.43
N ILE B 181 10.83 3.24 13.02
CA ILE B 181 11.61 3.01 11.81
C ILE B 181 13.03 2.92 12.33
N ARG B 182 13.62 1.73 12.23
CA ARG B 182 14.95 1.49 12.75
C ARG B 182 15.98 1.12 11.70
N PRO B 183 17.20 1.68 11.82
CA PRO B 183 18.30 1.40 10.89
C PRO B 183 18.76 -0.04 11.03
N GLN B 184 18.52 -0.82 9.98
CA GLN B 184 18.86 -2.23 9.91
C GLN B 184 20.10 -2.74 10.64
N GLN B 185 21.18 -1.98 10.61
CA GLN B 185 22.42 -2.41 11.25
C GLN B 185 22.43 -2.26 12.77
N ASN B 186 21.63 -1.36 13.30
CA ASN B 186 21.55 -1.17 14.75
C ASN B 186 20.08 -1.05 15.17
N ARG B 187 19.41 -2.18 15.22
CA ARG B 187 17.99 -2.24 15.55
C ARG B 187 17.46 -1.74 16.89
N ASP B 188 18.32 -1.20 17.74
CA ASP B 188 17.82 -0.66 18.99
C ASP B 188 17.99 0.86 18.96
N ASN B 189 17.99 1.38 17.73
CA ASN B 189 18.07 2.81 17.46
C ASN B 189 16.84 3.17 16.63
N CYS B 190 16.21 4.31 16.95
CA CYS B 190 15.00 4.74 16.28
C CYS B 190 15.08 6.06 15.51
N LEU B 191 14.33 6.17 14.42
CA LEU B 191 14.28 7.44 13.67
C LEU B 191 13.54 8.35 14.66
N THR B 192 14.27 9.20 15.35
CA THR B 192 13.67 10.06 16.38
C THR B 192 13.53 11.54 16.09
N SER B 193 12.59 12.18 16.76
CA SER B 193 12.36 13.60 16.60
C SER B 193 12.09 14.22 17.96
N ASP B 194 13.09 14.91 18.52
CA ASP B 194 13.02 15.55 19.83
C ASP B 194 11.74 16.29 20.23
N SER B 195 11.26 17.17 19.36
CA SER B 195 10.07 17.93 19.69
C SER B 195 8.93 17.74 18.70
N ASN B 196 7.88 18.51 18.90
CA ASN B 196 6.71 18.48 18.05
C ASN B 196 6.67 19.83 17.32
N ILE B 197 7.81 20.52 17.31
CA ILE B 197 7.93 21.82 16.68
C ILE B 197 8.23 21.82 15.19
N ARG B 198 7.62 22.79 14.51
CA ARG B 198 7.69 22.99 13.07
C ARG B 198 9.03 22.93 12.32
N GLU B 199 10.08 22.35 12.90
CA GLU B 199 11.34 22.27 12.16
C GLU B 199 12.40 21.45 12.86
N THR B 200 12.02 20.84 13.97
CA THR B 200 12.94 20.02 14.70
C THR B 200 13.62 19.07 13.70
N VAL B 201 14.93 18.95 13.78
CA VAL B 201 15.68 18.08 12.88
C VAL B 201 15.65 16.63 13.33
N VAL B 202 14.99 15.78 12.54
CA VAL B 202 14.89 14.35 12.85
C VAL B 202 16.29 13.71 12.96
N LYS B 203 16.50 12.94 14.03
CA LYS B 203 17.77 12.25 14.22
C LYS B 203 17.60 10.76 14.54
N ILE B 204 18.70 10.12 14.91
CA ILE B 204 18.69 8.69 15.24
C ILE B 204 19.18 8.48 16.67
N LEU B 205 18.23 8.36 17.60
CA LEU B 205 18.57 8.13 19.00
C LEU B 205 18.08 6.74 19.38
N SER B 206 18.33 6.32 20.61
CA SER B 206 17.90 5.00 21.05
C SER B 206 16.39 4.89 21.23
N CYS B 207 15.85 3.73 20.86
CA CYS B 207 14.42 3.46 20.98
C CYS B 207 14.00 3.34 22.44
N GLY B 208 14.96 3.44 23.35
CA GLY B 208 14.68 3.31 24.76
C GLY B 208 13.37 3.90 25.27
N PRO B 209 13.18 5.22 25.18
CA PRO B 209 11.95 5.85 25.66
C PRO B 209 10.69 5.47 24.91
N ALA B 210 10.83 4.96 23.69
CA ALA B 210 9.67 4.58 22.89
C ALA B 210 8.69 5.76 22.87
N SER B 211 9.23 6.97 22.74
CA SER B 211 8.42 8.18 22.74
C SER B 211 7.49 8.32 21.54
N SER B 212 6.58 9.29 21.62
CA SER B 212 5.64 9.54 20.55
C SER B 212 6.34 10.23 19.38
N GLY B 213 7.58 10.62 19.60
CA GLY B 213 8.34 11.26 18.55
C GLY B 213 9.19 10.23 17.84
N GLN B 214 8.92 8.97 18.16
CA GLN B 214 9.64 7.85 17.56
C GLN B 214 8.69 6.90 16.85
N ARG B 215 7.46 7.37 16.65
CA ARG B 215 6.45 6.58 15.97
C ARG B 215 6.02 7.28 14.69
N TRP B 216 6.01 6.52 13.60
CA TRP B 216 5.63 7.07 12.31
C TRP B 216 4.64 6.17 11.63
N MET B 217 4.07 6.68 10.55
CA MET B 217 3.13 5.90 9.77
C MET B 217 3.20 6.34 8.32
N PHE B 218 3.36 5.38 7.41
CA PHE B 218 3.37 5.70 5.99
C PHE B 218 1.92 5.88 5.53
N LYS B 219 1.58 7.08 5.09
CA LYS B 219 0.21 7.36 4.61
C LYS B 219 0.06 6.94 3.14
N ASN B 220 -1.18 6.96 2.66
CA ASN B 220 -1.48 6.59 1.28
C ASN B 220 -0.95 7.62 0.29
N ASP B 221 -0.83 8.87 0.74
CA ASP B 221 -0.37 9.94 -0.13
C ASP B 221 1.14 10.04 -0.25
N GLY B 222 1.85 9.01 0.20
CA GLY B 222 3.29 9.02 0.07
C GLY B 222 4.06 9.79 1.13
N THR B 223 3.41 10.13 2.23
CA THR B 223 4.08 10.85 3.30
C THR B 223 4.34 9.91 4.46
N ILE B 224 5.30 10.29 5.31
CA ILE B 224 5.61 9.52 6.50
C ILE B 224 5.23 10.45 7.66
N LEU B 225 4.10 10.13 8.27
CA LEU B 225 3.55 10.94 9.34
C LEU B 225 3.89 10.59 10.79
N ASN B 226 4.09 11.63 11.60
CA ASN B 226 4.37 11.49 13.01
C ASN B 226 2.99 11.65 13.65
N LEU B 227 2.36 10.54 13.94
CA LEU B 227 1.02 10.54 14.51
C LEU B 227 0.72 11.54 15.63
N TYR B 228 1.62 11.71 16.55
CA TYR B 228 1.37 12.63 17.65
C TYR B 228 1.42 14.13 17.30
N SER B 229 2.38 14.53 16.48
CA SER B 229 2.52 15.93 16.13
C SER B 229 1.67 16.36 14.93
N GLY B 230 1.36 15.40 14.07
CA GLY B 230 0.57 15.69 12.89
C GLY B 230 1.49 16.16 11.77
N LEU B 231 2.79 16.21 12.05
CA LEU B 231 3.78 16.64 11.08
C LEU B 231 4.37 15.46 10.28
N VAL B 232 4.99 15.78 9.14
CA VAL B 232 5.55 14.78 8.23
C VAL B 232 7.04 14.97 7.91
N LEU B 233 7.74 13.88 7.59
CA LEU B 233 9.15 13.96 7.26
C LEU B 233 9.27 14.94 6.11
N ASP B 234 10.26 15.82 6.18
CA ASP B 234 10.46 16.83 5.16
C ASP B 234 11.94 17.05 4.93
N VAL B 235 12.34 17.09 3.65
CA VAL B 235 13.73 17.35 3.30
C VAL B 235 13.82 18.87 3.21
N ARG B 236 14.43 19.48 4.23
CA ARG B 236 14.55 20.94 4.33
C ARG B 236 14.81 21.66 3.01
N ALA B 237 13.88 22.55 2.65
CA ALA B 237 13.97 23.35 1.44
C ALA B 237 14.33 22.58 0.16
N SER B 238 13.81 21.36 -0.01
CA SER B 238 14.12 20.56 -1.19
C SER B 238 15.59 20.58 -1.53
N ASP B 239 16.44 20.72 -0.52
CA ASP B 239 17.87 20.75 -0.75
C ASP B 239 18.59 19.58 -0.10
N PRO B 240 18.75 18.48 -0.84
CA PRO B 240 19.43 17.30 -0.29
C PRO B 240 20.79 17.69 0.29
N SER B 241 21.39 18.75 -0.24
CA SER B 241 22.70 19.17 0.22
C SER B 241 22.72 19.50 1.69
N LEU B 242 21.73 20.28 2.15
CA LEU B 242 21.68 20.67 3.55
C LEU B 242 21.79 19.48 4.51
N LYS B 243 21.56 18.28 4.00
CA LYS B 243 21.62 17.04 4.79
C LYS B 243 20.77 17.06 6.04
N GLN B 244 19.55 17.57 5.93
CA GLN B 244 18.66 17.62 7.08
C GLN B 244 17.22 17.23 6.77
N ILE B 245 16.68 16.32 7.57
CA ILE B 245 15.29 15.89 7.43
C ILE B 245 14.59 16.48 8.65
N ILE B 246 13.55 17.27 8.39
CA ILE B 246 12.84 17.93 9.46
C ILE B 246 11.37 17.53 9.55
N LEU B 247 10.75 17.94 10.63
CA LEU B 247 9.34 17.71 10.84
C LEU B 247 8.72 18.99 10.25
N TYR B 248 7.59 18.88 9.58
CA TYR B 248 7.00 20.07 8.99
C TYR B 248 5.54 19.81 8.62
N PRO B 249 4.72 20.86 8.61
CA PRO B 249 3.32 20.61 8.23
C PRO B 249 3.19 20.14 6.78
N LEU B 250 2.19 19.31 6.53
CA LEU B 250 1.96 18.77 5.21
C LEU B 250 1.57 19.77 4.12
N HIS B 251 2.25 19.69 2.97
CA HIS B 251 1.88 20.52 1.83
C HIS B 251 1.88 19.62 0.59
N GLY B 252 2.57 18.50 0.68
CA GLY B 252 2.58 17.55 -0.42
C GLY B 252 3.52 17.72 -1.59
N ASP B 253 4.51 18.60 -1.49
CA ASP B 253 5.45 18.76 -2.59
C ASP B 253 6.36 17.55 -2.62
N PRO B 254 7.14 17.39 -3.71
CA PRO B 254 8.05 16.25 -3.86
C PRO B 254 9.00 15.98 -2.68
N ASN B 255 9.25 17.01 -1.86
CA ASN B 255 10.16 16.86 -0.74
C ASN B 255 9.51 16.32 0.54
N GLN B 256 8.28 15.82 0.41
CA GLN B 256 7.57 15.24 1.55
C GLN B 256 7.05 13.88 1.15
N ILE B 257 7.30 13.50 -0.10
CA ILE B 257 6.82 12.21 -0.60
C ILE B 257 7.91 11.15 -0.57
N TRP B 258 7.56 9.97 -0.05
CA TRP B 258 8.51 8.88 0.02
C TRP B 258 7.89 7.60 -0.51
N LEU B 259 8.71 6.57 -0.69
CA LEU B 259 8.21 5.31 -1.19
C LEU B 259 9.04 4.15 -0.63
N PRO B 260 8.37 3.15 -0.05
CA PRO B 260 9.12 2.02 0.49
C PRO B 260 9.42 1.08 -0.67
N LEU B 261 10.69 1.04 -1.07
CA LEU B 261 11.14 0.19 -2.16
C LEU B 261 11.60 -1.14 -1.59
N PHE B 262 10.82 -2.18 -1.79
CA PHE B 262 11.20 -3.50 -1.30
C PHE B 262 11.48 -4.47 -2.43
#